data_6IWB
#
_entry.id   6IWB
#
_cell.length_a   129.718
_cell.length_b   129.718
_cell.length_c   80.291
_cell.angle_alpha   90.000
_cell.angle_beta   90.000
_cell.angle_gamma   120.000
#
_symmetry.space_group_name_H-M   'P 65'
#
loop_
_entity.id
_entity.type
_entity.pdbx_description
1 polymer 'Apolipoprotein E'
2 polymer 'Apoptosis regulator Bcl-2,Apoptosis regulator Bcl-2'
3 non-polymer 'SULFATE ION'
4 water water
#
loop_
_entity_poly.entity_id
_entity_poly.type
_entity_poly.pdbx_seq_one_letter_code
_entity_poly.pdbx_strand_id
1 'polypeptide(L)'
;MHHHHHHGSGQRWELALGRFLEYLSWVSTLSEQVQEELLSSQVTQELRALMDETMKELKAYKSELEEQLTPVAEETRARL
SKELQAAQARLGADMEDVRGRLVQYRGEVQAMLGQSTEELRVRLASHLIALQLRLIGDAFDLQKRLAVYQAGAAEQ
;
A,C
2 'polypeptide(L)'
;MAHAGRTGYDNREIVMKYIHYKLSQRGYEWDAGDDVEENRTEAPEGTESEVVHLTLRQAGDDFSRRYRRDFAEMSSQLHL
TPFTARGRFATVVEELFRDGVNWGRIVAFFEFGGVMCVESVNREMSPLVDNIALWMTEYLNRHLHTWIQDNGGWDAFVEL
YGPSMR
;
B,D
#
# COMPACT_ATOMS: atom_id res chain seq x y z
N GLY A 10 -24.76 22.78 0.20
CA GLY A 10 -23.59 22.61 1.05
C GLY A 10 -23.61 21.34 1.86
N GLN A 11 -24.73 21.11 2.56
CA GLN A 11 -24.87 19.95 3.44
C GLN A 11 -25.55 18.78 2.72
N ARG A 12 -24.98 18.33 1.60
CA ARG A 12 -25.50 17.11 1.00
C ARG A 12 -24.38 16.18 0.54
N TRP A 13 -23.38 16.70 -0.18
CA TRP A 13 -22.16 15.92 -0.36
C TRP A 13 -21.55 15.58 0.99
N GLU A 14 -21.76 16.45 1.98
CA GLU A 14 -21.35 16.16 3.35
C GLU A 14 -22.16 15.01 3.94
N LEU A 15 -23.45 14.93 3.60
CA LEU A 15 -24.27 13.84 4.10
C LEU A 15 -23.89 12.52 3.44
N ALA A 16 -23.66 12.53 2.12
CA ALA A 16 -23.18 11.33 1.44
C ALA A 16 -21.85 10.88 2.03
N LEU A 17 -20.97 11.83 2.33
CA LEU A 17 -19.71 11.50 3.00
C LEU A 17 -19.97 10.90 4.37
N GLY A 18 -20.87 11.52 5.14
CA GLY A 18 -21.25 10.96 6.43
C GLY A 18 -21.83 9.56 6.34
N ARG A 19 -22.37 9.19 5.18
CA ARG A 19 -22.84 7.82 5.00
C ARG A 19 -21.67 6.89 4.66
N PHE A 20 -20.69 7.38 3.91
CA PHE A 20 -19.47 6.62 3.70
C PHE A 20 -18.75 6.37 5.03
N LEU A 21 -18.53 7.44 5.79
CA LEU A 21 -17.84 7.31 7.07
C LEU A 21 -18.59 6.43 8.04
N GLU A 22 -19.93 6.57 8.09
CA GLU A 22 -20.73 5.76 9.01
C GLU A 22 -20.62 4.27 8.67
N TYR A 23 -20.57 3.93 7.40
CA TYR A 23 -20.40 2.53 7.02
C TYR A 23 -18.98 2.06 7.35
N LEU A 24 -17.97 2.83 6.96
CA LEU A 24 -16.59 2.54 7.35
C LEU A 24 -16.49 2.37 8.86
N SER A 25 -17.20 3.22 9.61
CA SER A 25 -17.22 3.09 11.06
C SER A 25 -17.58 1.69 11.50
N TRP A 26 -18.59 1.09 10.86
CA TRP A 26 -18.96 -0.27 11.19
C TRP A 26 -17.90 -1.27 10.75
N VAL A 27 -17.18 -1.00 9.66
CA VAL A 27 -16.11 -1.91 9.27
C VAL A 27 -14.93 -1.79 10.22
N SER A 28 -14.70 -0.60 10.77
CA SER A 28 -13.63 -0.42 11.75
C SER A 28 -13.87 -1.20 13.03
N THR A 29 -15.12 -1.58 13.32
CA THR A 29 -15.38 -2.40 14.50
C THR A 29 -14.72 -3.76 14.38
N LEU A 30 -14.44 -4.22 13.17
CA LEU A 30 -13.75 -5.49 12.92
C LEU A 30 -14.40 -6.63 13.70
N SER A 31 -15.73 -6.60 13.77
CA SER A 31 -16.44 -7.63 14.51
C SER A 31 -16.38 -8.96 13.78
N GLU A 32 -16.66 -10.03 14.53
CA GLU A 32 -16.89 -11.34 13.93
C GLU A 32 -17.83 -11.23 12.74
N GLN A 33 -18.89 -10.42 12.89
CA GLN A 33 -19.76 -10.10 11.78
C GLN A 33 -18.99 -9.43 10.64
N VAL A 34 -18.15 -8.45 10.97
CA VAL A 34 -17.42 -7.71 9.95
C VAL A 34 -16.40 -8.61 9.25
N GLN A 35 -15.64 -9.38 10.03
CA GLN A 35 -14.60 -10.23 9.44
C GLN A 35 -15.20 -11.24 8.49
N GLU A 36 -16.35 -11.82 8.85
CA GLU A 36 -17.05 -12.71 7.92
C GLU A 36 -17.47 -11.96 6.66
N GLU A 37 -17.95 -10.72 6.83
CA GLU A 37 -18.32 -9.91 5.67
C GLU A 37 -17.10 -9.57 4.82
N LEU A 38 -15.97 -9.25 5.46
CA LEU A 38 -14.78 -8.82 4.75
C LEU A 38 -14.20 -9.88 3.82
N LEU A 39 -14.64 -11.14 3.94
CA LEU A 39 -14.18 -12.19 3.03
C LEU A 39 -15.05 -12.27 1.79
N SER A 40 -16.08 -11.45 1.68
CA SER A 40 -16.90 -11.32 0.49
C SER A 40 -16.57 -9.99 -0.18
N SER A 41 -17.20 -9.76 -1.34
CA SER A 41 -17.03 -8.52 -2.08
C SER A 41 -18.18 -7.55 -1.86
N GLN A 42 -19.00 -7.78 -0.83
CA GLN A 42 -20.15 -6.91 -0.59
C GLN A 42 -19.76 -5.64 0.16
N VAL A 43 -18.70 -5.68 0.96
CA VAL A 43 -18.31 -4.50 1.72
C VAL A 43 -17.52 -3.53 0.83
N THR A 44 -16.66 -4.06 -0.03
CA THR A 44 -15.93 -3.19 -0.95
C THR A 44 -16.81 -2.69 -2.09
N GLN A 45 -17.80 -3.48 -2.51
CA GLN A 45 -18.79 -2.99 -3.46
C GLN A 45 -19.63 -1.87 -2.86
N GLU A 46 -20.03 -2.02 -1.60
CA GLU A 46 -20.81 -0.98 -0.95
C GLU A 46 -20.01 0.29 -0.79
N LEU A 47 -18.72 0.17 -0.44
CA LEU A 47 -17.88 1.35 -0.26
C LEU A 47 -17.76 2.16 -1.55
N ARG A 48 -17.68 1.47 -2.69
CA ARG A 48 -17.59 2.19 -3.96
C ARG A 48 -18.87 2.96 -4.26
N ALA A 49 -20.02 2.40 -3.90
CA ALA A 49 -21.29 3.09 -4.12
C ALA A 49 -21.35 4.38 -3.33
N LEU A 50 -21.13 4.30 -2.01
CA LEU A 50 -21.17 5.50 -1.17
C LEU A 50 -20.09 6.49 -1.58
N MET A 51 -18.98 6.01 -2.13
CA MET A 51 -17.94 6.90 -2.63
C MET A 51 -18.38 7.55 -3.94
N ASP A 52 -18.86 6.75 -4.89
CA ASP A 52 -19.35 7.29 -6.15
C ASP A 52 -20.59 8.17 -5.95
N GLU A 53 -21.26 8.06 -4.81
CA GLU A 53 -22.32 8.99 -4.46
C GLU A 53 -21.74 10.27 -3.88
N THR A 54 -20.78 10.14 -2.95
CA THR A 54 -20.12 11.30 -2.38
C THR A 54 -19.50 12.17 -3.45
N MET A 55 -18.78 11.55 -4.39
CA MET A 55 -18.15 12.32 -5.46
C MET A 55 -19.19 12.92 -6.41
N LYS A 56 -20.31 12.23 -6.62
CA LYS A 56 -21.36 12.78 -7.45
C LYS A 56 -21.97 14.03 -6.83
N GLU A 57 -22.39 13.94 -5.56
CA GLU A 57 -22.95 15.10 -4.88
C GLU A 57 -21.93 16.22 -4.73
N LEU A 58 -20.65 15.87 -4.65
CA LEU A 58 -19.61 16.88 -4.54
C LEU A 58 -19.33 17.56 -5.89
N LYS A 59 -19.28 16.77 -6.96
CA LYS A 59 -19.04 17.34 -8.28
C LYS A 59 -20.18 18.24 -8.72
N ALA A 60 -21.42 17.85 -8.40
CA ALA A 60 -22.59 18.65 -8.73
C ALA A 60 -22.72 19.89 -7.86
N TYR A 61 -21.97 19.96 -6.76
CA TYR A 61 -22.05 21.09 -5.85
C TYR A 61 -21.02 22.16 -6.15
N LYS A 62 -19.86 21.78 -6.70
CA LYS A 62 -18.93 22.78 -7.21
C LYS A 62 -19.48 23.45 -8.45
N SER A 63 -20.21 22.70 -9.29
CA SER A 63 -20.91 23.31 -10.41
C SER A 63 -22.02 24.23 -9.92
N GLU A 64 -22.74 23.83 -8.87
CA GLU A 64 -23.79 24.69 -8.31
C GLU A 64 -23.24 26.02 -7.84
N LEU A 65 -22.00 26.02 -7.32
CA LEU A 65 -21.39 27.28 -6.89
C LEU A 65 -20.95 28.10 -8.09
N GLU A 66 -20.30 27.46 -9.07
CA GLU A 66 -19.85 28.13 -10.28
C GLU A 66 -20.95 28.91 -10.99
N GLU A 67 -22.21 28.72 -10.61
CA GLU A 67 -23.32 29.46 -11.20
C GLU A 67 -23.59 30.75 -10.44
N GLN A 68 -23.87 30.65 -9.13
CA GLN A 68 -24.06 31.85 -8.33
C GLN A 68 -22.74 32.53 -7.98
N LEU A 69 -21.61 31.84 -8.09
CA LEU A 69 -20.32 32.50 -7.97
C LEU A 69 -20.18 33.50 -9.11
N THR A 70 -20.39 34.77 -8.81
CA THR A 70 -20.42 35.84 -9.80
C THR A 70 -19.28 36.86 -9.73
N PRO A 71 -18.49 36.98 -8.64
CA PRO A 71 -17.46 38.03 -8.63
C PRO A 71 -16.36 37.83 -9.66
N VAL A 72 -15.93 36.59 -9.88
CA VAL A 72 -15.03 36.14 -10.94
C VAL A 72 -13.79 37.01 -11.14
N ALA A 73 -12.94 37.08 -10.10
CA ALA A 73 -11.57 37.54 -10.28
C ALA A 73 -10.77 36.38 -10.86
N GLU A 74 -10.31 36.52 -12.11
CA GLU A 74 -9.91 35.36 -12.90
C GLU A 74 -8.41 35.14 -13.03
N GLU A 75 -7.57 36.13 -12.69
CA GLU A 75 -6.14 35.86 -12.70
C GLU A 75 -5.76 34.82 -11.65
N THR A 76 -6.50 34.79 -10.54
CA THR A 76 -6.24 33.85 -9.45
C THR A 76 -7.27 32.73 -9.38
N ARG A 77 -8.28 32.73 -10.27
CA ARG A 77 -9.27 31.66 -10.27
C ARG A 77 -8.90 30.50 -11.17
N ALA A 78 -7.98 30.69 -12.12
CA ALA A 78 -7.28 29.55 -12.70
C ALA A 78 -6.31 28.93 -11.72
N ARG A 79 -6.23 29.49 -10.52
CA ARG A 79 -5.56 28.91 -9.37
C ARG A 79 -6.54 28.45 -8.30
N LEU A 80 -7.63 29.19 -8.11
CA LEU A 80 -8.67 28.88 -7.13
C LEU A 80 -9.33 27.52 -7.39
N SER A 81 -10.11 27.43 -8.47
CA SER A 81 -10.82 26.20 -8.76
C SER A 81 -9.86 25.04 -9.00
N LYS A 82 -8.67 25.31 -9.54
CA LYS A 82 -7.68 24.26 -9.71
C LYS A 82 -7.20 23.71 -8.36
N GLU A 83 -7.17 24.56 -7.33
CA GLU A 83 -6.80 24.10 -6.00
C GLU A 83 -7.90 23.23 -5.39
N LEU A 84 -9.15 23.49 -5.76
CA LEU A 84 -10.30 22.78 -5.20
C LEU A 84 -10.70 21.58 -6.04
N GLN A 85 -10.52 21.66 -7.35
CA GLN A 85 -10.66 20.49 -8.21
C GLN A 85 -9.61 19.42 -7.88
N ALA A 86 -8.50 19.83 -7.28
CA ALA A 86 -7.52 18.88 -6.74
C ALA A 86 -7.82 18.51 -5.29
N ALA A 87 -8.48 19.40 -4.54
CA ALA A 87 -8.80 19.10 -3.15
C ALA A 87 -10.03 18.20 -3.03
N GLN A 88 -10.86 18.12 -4.08
CA GLN A 88 -11.82 17.04 -4.17
C GLN A 88 -11.17 15.78 -4.72
N ALA A 89 -10.11 15.94 -5.53
CA ALA A 89 -9.36 14.78 -6.00
C ALA A 89 -8.74 14.01 -4.84
N ARG A 90 -8.42 14.70 -3.75
CA ARG A 90 -7.90 14.01 -2.57
C ARG A 90 -8.99 13.25 -1.82
N LEU A 91 -10.21 13.78 -1.78
CA LEU A 91 -11.26 13.11 -1.03
C LEU A 91 -11.65 11.80 -1.69
N GLY A 92 -11.88 11.83 -3.01
CA GLY A 92 -12.09 10.60 -3.74
C GLY A 92 -10.91 9.65 -3.64
N ALA A 93 -9.71 10.19 -3.45
CA ALA A 93 -8.53 9.34 -3.27
C ALA A 93 -8.57 8.61 -1.94
N ASP A 94 -8.85 9.32 -0.84
CA ASP A 94 -8.95 8.68 0.45
C ASP A 94 -10.00 7.57 0.44
N MET A 95 -11.16 7.83 -0.18
CA MET A 95 -12.22 6.84 -0.20
C MET A 95 -11.88 5.66 -1.10
N GLU A 96 -11.08 5.88 -2.15
CA GLU A 96 -10.57 4.75 -2.92
C GLU A 96 -9.57 3.95 -2.10
N ASP A 97 -8.74 4.64 -1.30
CA ASP A 97 -7.74 3.94 -0.49
C ASP A 97 -8.40 3.10 0.58
N VAL A 98 -9.43 3.62 1.24
CA VAL A 98 -10.19 2.84 2.23
C VAL A 98 -10.68 1.54 1.61
N ARG A 99 -11.19 1.63 0.38
CA ARG A 99 -11.67 0.44 -0.32
C ARG A 99 -10.52 -0.53 -0.61
N GLY A 100 -9.38 0.00 -1.05
CA GLY A 100 -8.26 -0.87 -1.38
C GLY A 100 -7.67 -1.55 -0.15
N ARG A 101 -7.60 -0.84 0.97
CA ARG A 101 -7.05 -1.41 2.19
C ARG A 101 -7.85 -2.64 2.63
N LEU A 102 -9.13 -2.68 2.29
CA LEU A 102 -9.98 -3.83 2.60
C LEU A 102 -10.00 -4.87 1.49
N VAL A 103 -9.51 -4.53 0.30
CA VAL A 103 -9.24 -5.54 -0.71
C VAL A 103 -7.98 -6.31 -0.37
N GLN A 104 -6.96 -5.59 0.13
CA GLN A 104 -5.72 -6.24 0.54
C GLN A 104 -5.95 -7.18 1.72
N TYR A 105 -6.77 -6.76 2.69
CA TYR A 105 -7.11 -7.65 3.80
C TYR A 105 -7.77 -8.92 3.29
N ARG A 106 -8.67 -8.79 2.32
CA ARG A 106 -9.33 -9.96 1.76
C ARG A 106 -8.34 -10.90 1.09
N GLY A 107 -7.54 -10.36 0.16
CA GLY A 107 -6.53 -11.17 -0.51
C GLY A 107 -5.49 -11.75 0.43
N GLU A 108 -5.31 -11.14 1.61
CA GLU A 108 -4.34 -11.67 2.57
C GLU A 108 -4.91 -12.87 3.33
N VAL A 109 -6.18 -12.80 3.75
CA VAL A 109 -6.79 -13.95 4.42
C VAL A 109 -7.10 -15.06 3.44
N GLN A 110 -7.25 -14.76 2.14
CA GLN A 110 -7.44 -15.81 1.15
C GLN A 110 -6.20 -16.68 1.03
N ALA A 111 -5.02 -16.10 1.25
CA ALA A 111 -3.78 -16.86 1.31
C ALA A 111 -3.56 -17.53 2.65
N MET A 112 -4.48 -17.36 3.60
CA MET A 112 -4.45 -18.07 4.87
C MET A 112 -5.63 -19.04 5.01
N LEU A 113 -6.26 -19.39 3.89
CA LEU A 113 -7.36 -20.36 3.85
C LEU A 113 -8.52 -19.89 4.74
N GLY A 114 -8.91 -18.63 4.57
CA GLY A 114 -9.98 -18.05 5.34
C GLY A 114 -9.62 -17.64 6.75
N GLN A 115 -8.43 -18.02 7.24
CA GLN A 115 -8.02 -17.66 8.59
C GLN A 115 -7.44 -16.25 8.60
N SER A 116 -7.31 -15.69 9.80
CA SER A 116 -6.91 -14.29 9.95
C SER A 116 -6.22 -14.10 11.29
N THR A 117 -4.93 -13.73 11.25
CA THR A 117 -4.17 -13.48 12.46
C THR A 117 -4.53 -12.12 13.06
N GLU A 118 -4.15 -11.93 14.32
CA GLU A 118 -4.34 -10.64 14.95
C GLU A 118 -3.31 -9.62 14.50
N GLU A 119 -2.10 -10.08 14.16
CA GLU A 119 -1.11 -9.19 13.55
C GLU A 119 -1.67 -8.52 12.31
N LEU A 120 -2.52 -9.22 11.56
CA LEU A 120 -3.14 -8.64 10.38
C LEU A 120 -4.23 -7.63 10.78
N ARG A 121 -5.08 -7.99 11.75
CA ARG A 121 -6.18 -7.11 12.13
C ARG A 121 -5.69 -5.85 12.82
N VAL A 122 -4.61 -5.95 13.61
CA VAL A 122 -4.02 -4.75 14.20
C VAL A 122 -3.42 -3.87 13.10
N ARG A 123 -2.81 -4.48 12.09
CA ARG A 123 -2.24 -3.72 10.99
C ARG A 123 -3.34 -3.05 10.17
N LEU A 124 -4.44 -3.76 9.91
CA LEU A 124 -5.56 -3.14 9.20
C LEU A 124 -6.17 -2.01 10.00
N ALA A 125 -6.35 -2.23 11.31
CA ALA A 125 -6.88 -1.17 12.17
C ALA A 125 -5.98 0.06 12.15
N SER A 126 -4.66 -0.16 12.06
CA SER A 126 -3.73 0.96 11.91
C SER A 126 -4.07 1.79 10.69
N HIS A 127 -4.25 1.12 9.55
CA HIS A 127 -4.49 1.84 8.30
C HIS A 127 -5.87 2.47 8.29
N LEU A 128 -6.88 1.79 8.85
CA LEU A 128 -8.22 2.37 8.89
C LEU A 128 -8.24 3.66 9.69
N ILE A 129 -7.57 3.68 10.84
CA ILE A 129 -7.52 4.90 11.65
C ILE A 129 -6.81 6.01 10.88
N ALA A 130 -5.66 5.69 10.28
CA ALA A 130 -4.95 6.67 9.46
C ALA A 130 -5.85 7.24 8.37
N LEU A 131 -6.68 6.39 7.77
CA LEU A 131 -7.53 6.85 6.67
C LEU A 131 -8.71 7.67 7.17
N GLN A 132 -9.40 7.21 8.23
CA GLN A 132 -10.46 8.00 8.82
C GLN A 132 -9.99 9.41 9.14
N LEU A 133 -8.84 9.52 9.79
CA LEU A 133 -8.29 10.82 10.13
C LEU A 133 -8.03 11.66 8.88
N ARG A 134 -7.26 11.11 7.94
CA ARG A 134 -6.96 11.84 6.71
C ARG A 134 -8.22 12.14 5.90
N LEU A 135 -9.21 11.25 5.96
CA LEU A 135 -10.47 11.51 5.28
C LEU A 135 -11.16 12.74 5.85
N ILE A 136 -11.38 12.74 7.18
CA ILE A 136 -12.03 13.87 7.83
C ILE A 136 -11.23 15.15 7.61
N GLY A 137 -9.91 15.06 7.81
CA GLY A 137 -9.09 16.24 7.62
C GLY A 137 -9.14 16.78 6.21
N ASP A 138 -9.12 15.90 5.22
CA ASP A 138 -9.22 16.34 3.83
C ASP A 138 -10.58 16.98 3.57
N ALA A 139 -11.65 16.42 4.14
CA ALA A 139 -12.97 17.03 4.02
C ALA A 139 -13.06 18.34 4.78
N PHE A 140 -12.20 18.54 5.78
CA PHE A 140 -12.18 19.80 6.51
C PHE A 140 -11.48 20.90 5.69
N ASP A 141 -10.31 20.58 5.14
CA ASP A 141 -9.61 21.50 4.25
C ASP A 141 -10.46 21.87 3.05
N LEU A 142 -11.51 21.09 2.76
CA LEU A 142 -12.42 21.40 1.66
C LEU A 142 -13.56 22.32 2.10
N GLN A 143 -14.36 21.89 3.08
CA GLN A 143 -15.52 22.67 3.50
C GLN A 143 -15.15 24.10 3.86
N LYS A 144 -13.93 24.30 4.38
CA LYS A 144 -13.43 25.66 4.55
C LYS A 144 -13.12 26.31 3.21
N ARG A 145 -12.51 25.56 2.29
CA ARG A 145 -12.24 26.07 0.95
C ARG A 145 -13.49 26.15 0.08
N LEU A 146 -14.60 25.58 0.53
CA LEU A 146 -15.91 25.81 -0.09
C LEU A 146 -16.67 26.93 0.58
N ALA A 147 -16.00 27.70 1.45
CA ALA A 147 -16.53 28.94 2.00
C ALA A 147 -15.68 30.15 1.64
N VAL A 148 -14.46 29.95 1.15
CA VAL A 148 -13.74 31.01 0.47
C VAL A 148 -14.21 31.12 -0.96
N TYR A 149 -14.60 30.00 -1.56
CA TYR A 149 -15.24 30.03 -2.87
C TYR A 149 -16.55 30.79 -2.82
N GLN A 150 -17.42 30.45 -1.86
CA GLN A 150 -18.78 31.00 -1.90
C GLN A 150 -18.84 32.41 -1.32
N ALA A 151 -18.15 32.67 -0.21
CA ALA A 151 -18.19 34.01 0.39
C ALA A 151 -17.49 35.03 -0.49
N TYR B 9 10.78 25.63 18.60
CA TYR B 9 10.36 26.70 19.50
C TYR B 9 8.85 26.72 19.67
N ASP B 10 8.14 27.23 18.66
CA ASP B 10 6.69 27.32 18.72
C ASP B 10 6.06 25.95 18.90
N ASN B 11 6.48 24.97 18.08
CA ASN B 11 5.75 23.72 17.97
C ASN B 11 5.76 22.93 19.28
N ARG B 12 6.82 23.07 20.07
CA ARG B 12 6.85 22.41 21.39
C ARG B 12 5.70 22.90 22.26
N GLU B 13 5.47 24.21 22.27
CA GLU B 13 4.39 24.76 23.10
C GLU B 13 3.01 24.35 22.55
N ILE B 14 2.84 24.38 21.23
CA ILE B 14 1.55 24.07 20.63
C ILE B 14 1.11 22.66 20.99
N VAL B 15 2.05 21.72 20.98
CA VAL B 15 1.72 20.35 21.38
C VAL B 15 1.35 20.31 22.86
N MET B 16 2.11 21.01 23.70
CA MET B 16 1.90 20.97 25.14
C MET B 16 0.44 21.27 25.50
N LYS B 17 -0.06 22.42 25.06
CA LYS B 17 -1.41 22.83 25.46
C LYS B 17 -2.48 22.01 24.75
N TYR B 18 -2.22 21.55 23.52
CA TYR B 18 -3.21 20.74 22.83
C TYR B 18 -3.39 19.40 23.52
N ILE B 19 -2.30 18.82 24.02
CA ILE B 19 -2.42 17.57 24.75
C ILE B 19 -3.06 17.84 26.12
N HIS B 20 -2.56 18.85 26.84
CA HIS B 20 -3.20 19.42 28.04
C HIS B 20 -4.72 19.40 27.94
N TYR B 21 -5.23 19.97 26.85
CA TYR B 21 -6.67 20.16 26.68
C TYR B 21 -7.37 18.83 26.40
N LYS B 22 -6.74 17.95 25.61
CA LYS B 22 -7.38 16.69 25.25
C LYS B 22 -7.59 15.78 26.45
N LEU B 23 -6.88 16.01 27.56
CA LEU B 23 -7.18 15.24 28.77
C LEU B 23 -8.52 15.62 29.37
N SER B 24 -8.86 16.92 29.30
CA SER B 24 -10.03 17.41 30.02
C SER B 24 -11.29 16.70 29.58
N GLN B 25 -11.46 16.49 28.28
CA GLN B 25 -12.70 15.93 27.75
C GLN B 25 -12.94 14.48 28.18
N ARG B 26 -11.92 13.80 28.72
CA ARG B 26 -12.08 12.41 29.15
C ARG B 26 -12.03 12.28 30.67
N GLY B 27 -12.44 13.33 31.38
CA GLY B 27 -12.39 13.31 32.84
C GLY B 27 -10.98 13.11 33.37
N TYR B 28 -10.01 13.80 32.78
CA TYR B 28 -8.59 13.59 33.07
C TYR B 28 -7.88 14.93 32.92
N GLU B 29 -6.66 15.00 33.45
CA GLU B 29 -5.75 16.10 33.16
C GLU B 29 -4.40 15.83 33.81
N TRP B 30 -3.34 16.18 33.11
CA TRP B 30 -1.99 15.95 33.59
C TRP B 30 -1.07 17.07 33.12
N ASP B 31 0.17 17.02 33.60
CA ASP B 31 1.25 17.96 33.28
C ASP B 31 1.17 18.56 31.88
N SER B 49 0.99 34.80 21.33
CA SER B 49 0.01 34.38 20.34
C SER B 49 -0.74 33.13 20.81
N GLU B 50 -1.65 33.30 21.76
CA GLU B 50 -2.48 32.19 22.22
C GLU B 50 -3.75 32.02 21.38
N VAL B 51 -3.93 32.84 20.35
CA VAL B 51 -5.01 32.61 19.40
C VAL B 51 -4.75 31.38 18.56
N VAL B 52 -3.48 30.99 18.39
CA VAL B 52 -3.16 29.74 17.71
C VAL B 52 -3.65 28.55 18.52
N HIS B 53 -3.31 28.52 19.82
CA HIS B 53 -3.71 27.41 20.66
C HIS B 53 -5.22 27.30 20.78
N LEU B 54 -5.93 28.43 20.72
CA LEU B 54 -7.38 28.40 20.84
C LEU B 54 -8.03 27.90 19.55
N THR B 55 -7.61 28.46 18.41
CA THR B 55 -8.17 28.03 17.13
C THR B 55 -7.92 26.54 16.88
N LEU B 56 -6.70 26.07 17.18
CA LEU B 56 -6.41 24.65 17.04
C LEU B 56 -7.26 23.81 17.98
N ARG B 57 -7.57 24.33 19.17
CA ARG B 57 -8.43 23.59 20.09
C ARG B 57 -9.84 23.45 19.52
N GLN B 58 -10.37 24.51 18.92
CA GLN B 58 -11.70 24.43 18.31
C GLN B 58 -11.69 23.59 17.05
N ALA B 59 -10.63 23.72 16.24
CA ALA B 59 -10.52 22.90 15.03
C ALA B 59 -10.56 21.43 15.36
N GLY B 60 -9.81 21.01 16.38
CA GLY B 60 -9.88 19.64 16.84
C GLY B 60 -11.24 19.24 17.39
N ASP B 61 -12.06 20.22 17.79
CA ASP B 61 -13.40 19.91 18.26
C ASP B 61 -14.37 19.74 17.11
N ASP B 62 -14.38 20.68 16.16
CA ASP B 62 -15.10 20.48 14.91
C ASP B 62 -14.69 19.17 14.26
N PHE B 63 -13.37 18.90 14.23
CA PHE B 63 -12.86 17.66 13.66
C PHE B 63 -13.39 16.45 14.41
N SER B 64 -13.36 16.49 15.76
CA SER B 64 -13.66 15.31 16.54
C SER B 64 -15.15 14.99 16.60
N ARG B 65 -16.01 15.99 16.44
CA ARG B 65 -17.44 15.74 16.38
C ARG B 65 -17.93 15.52 14.96
N ARG B 66 -17.01 15.41 14.01
CA ARG B 66 -17.21 14.65 12.78
C ARG B 66 -16.72 13.21 12.97
N TYR B 67 -15.65 13.04 13.72
CA TYR B 67 -15.17 11.73 14.16
C TYR B 67 -16.24 11.04 15.00
N ARG B 68 -16.27 11.31 16.30
CA ARG B 68 -17.16 10.62 17.23
C ARG B 68 -18.65 10.81 16.92
N ARG B 69 -18.96 11.56 15.86
CA ARG B 69 -20.34 11.66 15.39
C ARG B 69 -20.83 10.31 14.89
N ASP B 70 -20.36 9.92 13.71
CA ASP B 70 -20.64 8.59 13.17
C ASP B 70 -19.38 7.73 13.21
N PHE B 71 -18.75 7.68 14.37
CA PHE B 71 -17.65 6.75 14.61
C PHE B 71 -17.75 6.31 16.07
N ALA B 72 -16.63 5.89 16.63
CA ALA B 72 -16.47 5.78 18.07
C ALA B 72 -15.02 6.12 18.37
N GLU B 73 -14.72 6.29 19.66
CA GLU B 73 -13.51 6.98 20.13
C GLU B 73 -12.20 6.28 19.80
N MET B 74 -11.37 6.05 20.82
CA MET B 74 -10.27 5.13 20.70
C MET B 74 -10.85 3.72 20.72
N SER B 75 -11.97 3.58 20.00
CA SER B 75 -12.75 2.38 19.84
C SER B 75 -12.41 1.58 18.60
N SER B 76 -12.05 2.27 17.53
CA SER B 76 -11.53 1.63 16.33
C SER B 76 -10.06 1.33 16.55
N GLN B 77 -9.72 0.98 17.78
CA GLN B 77 -8.37 1.10 18.30
C GLN B 77 -7.44 0.04 17.73
N LEU B 78 -6.22 0.02 18.25
CA LEU B 78 -5.21 -0.99 17.98
C LEU B 78 -4.73 -1.58 19.29
N HIS B 79 -3.81 -2.53 19.20
CA HIS B 79 -3.18 -3.12 20.37
C HIS B 79 -1.99 -2.24 20.75
N LEU B 80 -2.16 -1.43 21.80
CA LEU B 80 -1.19 -0.42 22.19
C LEU B 80 -0.48 -0.86 23.47
N THR B 81 0.80 -1.20 23.34
CA THR B 81 1.71 -1.42 24.45
C THR B 81 2.72 -0.28 24.51
N PRO B 82 3.52 -0.20 25.58
CA PRO B 82 4.60 0.80 25.60
C PRO B 82 5.65 0.58 24.51
N PHE B 83 5.74 -0.63 23.96
CA PHE B 83 6.77 -0.95 22.97
C PHE B 83 6.27 -0.83 21.54
N THR B 84 4.96 -0.98 21.31
CA THR B 84 4.39 -0.84 19.97
C THR B 84 3.84 0.55 19.69
N ALA B 85 3.76 1.42 20.70
CA ALA B 85 3.15 2.73 20.51
C ALA B 85 3.95 3.57 19.52
N ARG B 86 5.28 3.48 19.56
CA ARG B 86 6.08 4.20 18.59
C ARG B 86 5.89 3.63 17.19
N GLY B 87 5.56 2.34 17.09
CA GLY B 87 5.32 1.75 15.79
C GLY B 87 3.96 2.15 15.21
N ARG B 88 2.92 2.11 16.04
CA ARG B 88 1.60 2.51 15.58
C ARG B 88 1.54 4.01 15.32
N PHE B 89 2.23 4.80 16.13
CA PHE B 89 2.34 6.23 15.85
C PHE B 89 2.96 6.47 14.48
N ALA B 90 4.04 5.76 14.18
CA ALA B 90 4.75 5.96 12.92
C ALA B 90 3.93 5.49 11.73
N THR B 91 3.34 4.29 11.85
CA THR B 91 2.50 3.77 10.77
C THR B 91 1.39 4.74 10.43
N VAL B 92 0.66 5.22 11.45
CA VAL B 92 -0.46 6.11 11.22
C VAL B 92 0.01 7.46 10.66
N VAL B 93 1.08 8.02 11.24
CA VAL B 93 1.51 9.35 10.84
C VAL B 93 2.06 9.34 9.42
N GLU B 94 2.74 8.26 9.02
CA GLU B 94 3.20 8.13 7.64
C GLU B 94 2.02 8.16 6.69
N GLU B 95 1.05 7.25 6.89
CA GLU B 95 -0.09 7.14 5.99
C GLU B 95 -0.95 8.41 6.01
N LEU B 96 -0.90 9.16 7.10
CA LEU B 96 -1.66 10.42 7.18
C LEU B 96 -1.13 11.43 6.18
N PHE B 97 0.20 11.52 6.03
CA PHE B 97 0.84 12.48 5.14
C PHE B 97 1.44 11.82 3.90
N ARG B 98 0.99 10.61 3.56
CA ARG B 98 1.63 9.85 2.49
C ARG B 98 1.65 10.64 1.18
N ASP B 99 0.61 11.42 0.91
CA ASP B 99 0.46 12.12 -0.36
C ASP B 99 0.08 13.59 -0.12
N GLY B 100 0.94 14.31 0.58
CA GLY B 100 0.81 15.74 0.73
C GLY B 100 0.47 16.14 2.16
N VAL B 101 0.53 17.45 2.38
CA VAL B 101 0.27 18.06 3.69
C VAL B 101 -0.72 19.21 3.50
N ASN B 102 -1.74 19.26 4.34
CA ASN B 102 -2.65 20.40 4.41
C ASN B 102 -2.99 20.67 5.86
N TRP B 103 -3.73 21.76 6.10
CA TRP B 103 -4.07 22.14 7.46
C TRP B 103 -5.04 21.15 8.09
N GLY B 104 -6.00 20.64 7.32
CA GLY B 104 -6.96 19.68 7.86
C GLY B 104 -6.31 18.40 8.33
N ARG B 105 -5.19 18.02 7.71
CA ARG B 105 -4.48 16.81 8.13
C ARG B 105 -3.63 17.04 9.36
N ILE B 106 -3.11 18.25 9.54
CA ILE B 106 -2.34 18.54 10.75
C ILE B 106 -3.25 18.53 11.98
N VAL B 107 -4.49 18.98 11.81
CA VAL B 107 -5.49 18.84 12.87
C VAL B 107 -5.70 17.37 13.20
N ALA B 108 -5.81 16.53 12.17
CA ALA B 108 -5.87 15.09 12.39
C ALA B 108 -4.63 14.58 13.11
N PHE B 109 -3.45 15.08 12.70
CA PHE B 109 -2.21 14.72 13.37
C PHE B 109 -2.25 15.10 14.84
N PHE B 110 -2.79 16.29 15.15
CA PHE B 110 -2.96 16.67 16.55
C PHE B 110 -4.04 15.82 17.21
N GLU B 111 -5.16 15.60 16.53
CA GLU B 111 -6.21 14.75 17.07
C GLU B 111 -5.70 13.33 17.32
N PHE B 112 -4.96 12.78 16.36
CA PHE B 112 -4.41 11.44 16.54
C PHE B 112 -3.47 11.38 17.73
N GLY B 113 -2.57 12.36 17.85
CA GLY B 113 -1.69 12.40 19.00
C GLY B 113 -2.45 12.47 20.31
N GLY B 114 -3.58 13.16 20.30
CA GLY B 114 -4.43 13.17 21.48
C GLY B 114 -5.10 11.83 21.72
N VAL B 115 -5.60 11.20 20.65
CA VAL B 115 -6.19 9.86 20.77
C VAL B 115 -5.18 8.88 21.34
N MET B 116 -3.90 9.07 21.05
CA MET B 116 -2.86 8.26 21.68
C MET B 116 -2.88 8.40 23.19
N CYS B 117 -2.86 9.65 23.68
CA CYS B 117 -2.65 9.90 25.11
C CYS B 117 -3.84 9.45 25.95
N VAL B 118 -5.06 9.64 25.45
CA VAL B 118 -6.23 9.24 26.23
C VAL B 118 -6.47 7.74 26.16
N GLU B 119 -6.01 7.07 25.11
CA GLU B 119 -5.97 5.61 25.11
C GLU B 119 -4.91 5.09 26.07
N SER B 120 -3.89 5.90 26.36
CA SER B 120 -2.85 5.47 27.30
C SER B 120 -3.41 5.32 28.71
N VAL B 121 -3.99 6.37 29.26
CA VAL B 121 -4.48 6.31 30.64
C VAL B 121 -5.67 5.35 30.74
N ASN B 122 -6.44 5.21 29.66
CA ASN B 122 -7.51 4.22 29.62
C ASN B 122 -6.96 2.80 29.47
N ARG B 123 -5.67 2.65 29.12
CA ARG B 123 -5.02 1.36 29.03
C ARG B 123 -3.78 1.29 29.92
N GLU B 124 -3.71 2.16 30.94
CA GLU B 124 -2.79 2.01 32.06
C GLU B 124 -1.35 2.37 31.71
N MET B 125 -1.17 3.39 30.87
CA MET B 125 0.13 3.97 30.56
C MET B 125 -0.01 5.48 30.56
N SER B 126 1.06 6.20 30.88
CA SER B 126 0.96 7.66 30.83
C SER B 126 2.28 8.39 30.63
N PRO B 127 3.41 7.95 31.19
CA PRO B 127 4.69 8.54 30.75
C PRO B 127 4.93 8.39 29.26
N LEU B 128 4.18 7.49 28.61
CA LEU B 128 4.09 7.46 27.16
C LEU B 128 3.67 8.81 26.61
N VAL B 129 2.80 9.53 27.35
CA VAL B 129 2.29 10.80 26.86
C VAL B 129 3.44 11.75 26.55
N ASP B 130 4.43 11.82 27.45
CA ASP B 130 5.58 12.67 27.20
C ASP B 130 6.33 12.24 25.95
N ASN B 131 6.43 10.93 25.73
CA ASN B 131 7.03 10.43 24.50
C ASN B 131 6.21 10.86 23.29
N ILE B 132 4.89 10.62 23.33
CA ILE B 132 4.01 11.08 22.26
C ILE B 132 4.16 12.59 22.07
N ALA B 133 4.27 13.33 23.17
CA ALA B 133 4.47 14.77 23.09
C ALA B 133 5.77 15.11 22.36
N LEU B 134 6.85 14.36 22.64
CA LEU B 134 8.05 14.48 21.81
C LEU B 134 7.96 13.61 20.56
N TRP B 135 6.82 13.00 20.27
CA TRP B 135 6.71 12.40 18.94
C TRP B 135 5.92 13.27 17.98
N MET B 136 5.44 14.43 18.44
CA MET B 136 4.71 15.37 17.60
C MET B 136 5.49 16.65 17.32
N THR B 137 6.24 17.16 18.31
CA THR B 137 7.01 18.40 18.21
C THR B 137 8.03 18.38 17.06
N GLU B 138 9.09 17.61 17.27
CA GLU B 138 10.11 17.33 16.27
C GLU B 138 9.54 16.95 14.90
N TYR B 139 8.43 16.19 14.85
CA TYR B 139 7.88 15.86 13.54
C TYR B 139 7.33 17.10 12.86
N LEU B 140 6.78 18.03 13.65
CA LEU B 140 6.51 19.36 13.14
C LEU B 140 7.82 20.10 12.85
N ASN B 141 8.81 19.98 13.74
CA ASN B 141 10.05 20.73 13.58
C ASN B 141 10.84 20.28 12.36
N ARG B 142 10.88 18.98 12.09
CA ARG B 142 11.73 18.47 11.02
C ARG B 142 10.97 18.34 9.69
N HIS B 143 9.88 17.59 9.68
CA HIS B 143 9.23 17.21 8.43
C HIS B 143 7.95 17.97 8.14
N LEU B 144 7.43 18.75 9.09
CA LEU B 144 6.28 19.60 8.84
C LEU B 144 6.61 21.09 8.85
N HIS B 145 7.63 21.51 9.59
CA HIS B 145 8.05 22.91 9.63
C HIS B 145 8.26 23.48 8.23
N THR B 146 8.74 22.66 7.30
CA THR B 146 9.03 23.16 5.96
C THR B 146 7.76 23.56 5.22
N TRP B 147 6.70 22.76 5.33
CA TRP B 147 5.45 23.10 4.67
C TRP B 147 4.70 24.22 5.39
N ILE B 148 4.96 24.41 6.69
CA ILE B 148 4.22 25.40 7.46
C ILE B 148 4.48 26.81 6.94
N GLN B 149 5.76 27.19 6.85
CA GLN B 149 6.09 28.54 6.42
C GLN B 149 5.77 28.81 4.96
N ASP B 150 5.60 27.76 4.15
CA ASP B 150 5.31 27.97 2.73
C ASP B 150 3.89 28.47 2.51
N ASN B 151 2.92 27.85 3.19
CA ASN B 151 1.53 28.25 3.06
C ASN B 151 1.13 29.36 4.04
N GLY B 152 2.11 30.08 4.59
CA GLY B 152 1.85 31.27 5.35
C GLY B 152 2.18 31.21 6.83
N GLY B 153 2.90 30.17 7.26
CA GLY B 153 3.22 30.05 8.66
C GLY B 153 2.01 29.68 9.50
N TRP B 154 2.23 29.66 10.81
CA TRP B 154 1.14 29.30 11.73
C TRP B 154 0.05 30.35 11.74
N ASP B 155 0.42 31.63 11.61
CA ASP B 155 -0.57 32.70 11.56
C ASP B 155 -1.45 32.61 10.31
N ALA B 156 -1.08 31.79 9.32
CA ALA B 156 -1.99 31.51 8.22
C ALA B 156 -3.10 30.56 8.64
N PHE B 157 -2.80 29.61 9.53
CA PHE B 157 -3.82 28.69 10.02
C PHE B 157 -4.94 29.45 10.73
N VAL B 158 -4.57 30.41 11.59
CA VAL B 158 -5.59 31.16 12.31
C VAL B 158 -6.39 32.03 11.35
N GLU B 159 -5.76 32.51 10.27
CA GLU B 159 -6.48 33.38 9.36
C GLU B 159 -7.52 32.61 8.54
N LEU B 160 -7.30 31.31 8.33
CA LEU B 160 -8.22 30.49 7.56
C LEU B 160 -9.24 29.75 8.42
N TYR B 161 -8.95 29.57 9.71
CA TYR B 161 -9.84 28.86 10.61
C TYR B 161 -10.28 29.71 11.80
N GLY B 162 -9.99 31.02 11.78
CA GLY B 162 -10.25 31.88 12.90
C GLY B 162 -11.69 32.33 13.00
N PRO B 163 -12.06 33.37 12.25
CA PRO B 163 -13.42 33.94 12.37
C PRO B 163 -14.52 33.01 11.89
N SER B 164 -14.21 31.73 11.74
CA SER B 164 -15.20 30.73 11.36
C SER B 164 -15.75 30.01 12.58
N GLY C 10 16.17 -7.56 -28.95
CA GLY C 10 15.49 -8.24 -27.88
C GLY C 10 16.01 -7.86 -26.50
N GLN C 11 17.34 -7.73 -26.39
CA GLN C 11 17.98 -7.68 -25.08
C GLN C 11 18.03 -6.27 -24.49
N ARG C 12 18.04 -5.23 -25.32
CA ARG C 12 18.49 -3.93 -24.85
C ARG C 12 17.59 -3.38 -23.74
N TRP C 13 16.27 -3.53 -23.89
CA TRP C 13 15.42 -3.14 -22.79
C TRP C 13 15.57 -4.09 -21.61
N GLU C 14 15.80 -5.39 -21.88
CA GLU C 14 16.02 -6.34 -20.80
C GLU C 14 17.27 -6.00 -20.02
N LEU C 15 18.31 -5.52 -20.70
CA LEU C 15 19.50 -5.07 -19.99
C LEU C 15 19.16 -3.90 -19.08
N ALA C 16 18.30 -2.99 -19.53
CA ALA C 16 17.89 -1.87 -18.69
C ALA C 16 17.10 -2.35 -17.48
N LEU C 17 16.20 -3.32 -17.68
CA LEU C 17 15.49 -3.91 -16.55
C LEU C 17 16.44 -4.63 -15.61
N GLY C 18 17.41 -5.35 -16.17
CA GLY C 18 18.37 -6.06 -15.34
C GLY C 18 19.18 -5.15 -14.44
N ARG C 19 19.41 -3.91 -14.87
CA ARG C 19 20.11 -2.95 -14.02
C ARG C 19 19.22 -2.46 -12.89
N PHE C 20 17.95 -2.17 -13.20
CA PHE C 20 16.98 -1.86 -12.15
C PHE C 20 16.89 -2.98 -11.15
N LEU C 21 16.88 -4.24 -11.62
CA LEU C 21 16.91 -5.38 -10.71
C LEU C 21 18.20 -5.40 -9.90
N GLU C 22 19.33 -5.13 -10.54
CA GLU C 22 20.61 -5.17 -9.83
C GLU C 22 20.68 -4.10 -8.75
N TYR C 23 20.10 -2.92 -9.00
CA TYR C 23 20.08 -1.89 -7.97
C TYR C 23 19.13 -2.27 -6.85
N LEU C 24 17.95 -2.78 -7.19
CA LEU C 24 17.03 -3.30 -6.18
C LEU C 24 17.69 -4.37 -5.33
N SER C 25 18.68 -5.07 -5.90
CA SER C 25 19.40 -6.10 -5.15
C SER C 25 20.12 -5.51 -3.96
N TRP C 26 20.96 -4.51 -4.20
CA TRP C 26 21.72 -3.89 -3.14
C TRP C 26 20.82 -3.36 -2.03
N VAL C 27 19.62 -2.92 -2.38
CA VAL C 27 18.71 -2.37 -1.37
C VAL C 27 18.11 -3.49 -0.52
N SER C 28 17.75 -4.61 -1.14
CA SER C 28 17.11 -5.71 -0.42
C SER C 28 18.02 -6.36 0.61
N THR C 29 19.32 -6.05 0.61
CA THR C 29 20.18 -6.46 1.71
C THR C 29 19.82 -5.72 2.99
N LEU C 30 19.25 -4.52 2.86
CA LEU C 30 18.97 -3.65 4.00
C LEU C 30 20.22 -3.46 4.85
N SER C 31 21.37 -3.38 4.18
CA SER C 31 22.64 -3.20 4.86
C SER C 31 22.63 -1.86 5.61
N GLU C 32 23.63 -1.67 6.46
CA GLU C 32 23.68 -0.45 7.26
C GLU C 32 23.84 0.77 6.37
N GLN C 33 24.61 0.63 5.29
CA GLN C 33 24.65 1.66 4.24
C GLN C 33 23.28 1.89 3.63
N VAL C 34 22.48 0.84 3.48
CA VAL C 34 21.20 0.93 2.77
C VAL C 34 20.19 1.71 3.60
N GLN C 35 20.04 1.34 4.87
CA GLN C 35 19.15 2.10 5.77
C GLN C 35 19.61 3.55 5.87
N GLU C 36 20.91 3.77 5.94
CA GLU C 36 21.46 5.13 5.94
C GLU C 36 21.10 5.88 4.66
N GLU C 37 21.11 5.18 3.52
CA GLU C 37 20.76 5.80 2.25
C GLU C 37 19.25 5.98 2.10
N LEU C 38 18.46 5.02 2.58
CA LEU C 38 17.01 5.11 2.48
C LEU C 38 16.45 6.32 3.21
N LEU C 39 17.23 6.94 4.09
CA LEU C 39 16.83 8.19 4.73
C LEU C 39 16.93 9.38 3.79
N SER C 40 17.39 9.19 2.56
CA SER C 40 17.56 10.25 1.59
C SER C 40 16.62 10.01 0.39
N SER C 41 16.67 10.93 -0.55
CA SER C 41 15.90 10.81 -1.79
C SER C 41 16.69 10.13 -2.90
N GLN C 42 17.96 9.79 -2.66
CA GLN C 42 18.83 9.31 -3.74
C GLN C 42 18.39 7.94 -4.23
N VAL C 43 18.01 7.04 -3.32
CA VAL C 43 17.70 5.68 -3.74
C VAL C 43 16.41 5.64 -4.55
N THR C 44 15.39 6.39 -4.13
CA THR C 44 14.14 6.41 -4.87
C THR C 44 14.25 7.20 -6.17
N GLN C 45 15.05 8.27 -6.17
CA GLN C 45 15.27 9.02 -7.42
C GLN C 45 16.08 8.19 -8.40
N GLU C 46 17.10 7.49 -7.92
CA GLU C 46 17.84 6.56 -8.78
C GLU C 46 16.91 5.48 -9.32
N LEU C 47 16.06 4.91 -8.46
CA LEU C 47 15.09 3.91 -8.91
C LEU C 47 14.20 4.44 -10.02
N ARG C 48 13.92 5.74 -10.03
CA ARG C 48 13.05 6.31 -11.05
C ARG C 48 13.78 6.39 -12.39
N ALA C 49 15.07 6.71 -12.38
CA ALA C 49 15.82 6.83 -13.62
C ALA C 49 15.96 5.49 -14.32
N LEU C 50 16.19 4.42 -13.55
CA LEU C 50 16.30 3.09 -14.14
C LEU C 50 14.93 2.59 -14.61
N MET C 51 13.87 3.01 -13.92
CA MET C 51 12.52 2.67 -14.36
C MET C 51 12.18 3.35 -15.67
N ASP C 52 12.35 4.67 -15.73
CA ASP C 52 12.06 5.41 -16.95
C ASP C 52 12.96 4.97 -18.10
N GLU C 53 14.18 4.53 -17.81
CA GLU C 53 15.05 3.99 -18.85
C GLU C 53 14.50 2.67 -19.37
N THR C 54 14.13 1.77 -18.46
CA THR C 54 13.56 0.49 -18.87
C THR C 54 12.30 0.69 -19.70
N MET C 55 11.42 1.60 -19.29
CA MET C 55 10.20 1.84 -20.03
C MET C 55 10.49 2.54 -21.35
N LYS C 56 11.46 3.44 -21.37
CA LYS C 56 11.85 4.09 -22.63
C LYS C 56 12.37 3.06 -23.63
N GLU C 57 13.22 2.14 -23.15
CA GLU C 57 13.74 1.10 -24.04
C GLU C 57 12.63 0.14 -24.47
N LEU C 58 11.76 -0.24 -23.55
CA LEU C 58 10.69 -1.18 -23.88
C LEU C 58 9.72 -0.56 -24.87
N LYS C 59 9.45 0.75 -24.76
CA LYS C 59 8.57 1.42 -25.72
C LYS C 59 9.21 1.47 -27.10
N ALA C 60 10.52 1.73 -27.16
CA ALA C 60 11.21 1.73 -28.44
C ALA C 60 11.34 0.33 -29.04
N TYR C 61 11.21 -0.71 -28.21
CA TYR C 61 11.25 -2.07 -28.73
C TYR C 61 9.91 -2.48 -29.33
N LYS C 62 8.81 -2.16 -28.63
CA LYS C 62 7.49 -2.38 -29.19
C LYS C 62 7.34 -1.67 -30.53
N SER C 63 7.72 -0.38 -30.58
CA SER C 63 7.70 0.35 -31.84
C SER C 63 8.57 -0.32 -32.89
N GLU C 64 9.74 -0.83 -32.48
CA GLU C 64 10.62 -1.50 -33.43
C GLU C 64 9.95 -2.72 -34.06
N LEU C 65 9.23 -3.50 -33.24
CA LEU C 65 8.51 -4.64 -33.77
C LEU C 65 7.32 -4.23 -34.64
N GLU C 66 6.79 -3.02 -34.46
CA GLU C 66 5.73 -2.51 -35.33
C GLU C 66 6.20 -2.26 -36.77
N GLU C 67 7.41 -2.69 -37.13
CA GLU C 67 7.95 -2.46 -38.47
C GLU C 67 8.06 -3.75 -39.26
N GLN C 68 8.78 -4.75 -38.74
CA GLN C 68 8.85 -6.08 -39.34
C GLN C 68 7.66 -6.96 -38.94
N LEU C 69 6.66 -6.40 -38.27
CA LEU C 69 5.45 -7.13 -37.96
C LEU C 69 4.69 -7.47 -39.25
N THR C 70 3.81 -8.47 -39.14
CA THR C 70 3.14 -9.11 -40.27
C THR C 70 1.66 -9.17 -40.10
N PRO C 71 0.95 -8.14 -40.50
CA PRO C 71 -0.34 -8.29 -41.12
C PRO C 71 -0.88 -9.69 -41.50
N VAL C 72 -0.86 -10.70 -40.60
CA VAL C 72 -1.62 -11.90 -40.84
C VAL C 72 -2.73 -12.09 -39.81
N ALA C 73 -2.49 -11.76 -38.53
CA ALA C 73 -3.57 -11.48 -37.59
C ALA C 73 -4.03 -10.03 -37.65
N GLU C 74 -3.98 -9.40 -38.83
CA GLU C 74 -4.20 -7.96 -38.90
C GLU C 74 -5.61 -7.58 -38.45
N GLU C 75 -6.56 -8.51 -38.56
CA GLU C 75 -7.86 -8.28 -37.93
C GLU C 75 -7.72 -8.22 -36.42
N THR C 76 -7.13 -9.26 -35.83
CA THR C 76 -6.99 -9.37 -34.38
C THR C 76 -5.57 -9.10 -33.91
N ARG C 77 -4.95 -8.01 -34.35
CA ARG C 77 -3.80 -7.47 -33.62
C ARG C 77 -4.13 -6.12 -33.00
N ALA C 78 -5.39 -5.69 -33.08
CA ALA C 78 -6.01 -4.87 -32.06
C ALA C 78 -6.45 -5.71 -30.86
N ARG C 79 -5.97 -6.95 -30.81
CA ARG C 79 -6.10 -7.86 -29.69
C ARG C 79 -4.75 -8.30 -29.15
N LEU C 80 -3.73 -8.33 -30.01
CA LEU C 80 -2.36 -8.61 -29.58
C LEU C 80 -1.68 -7.36 -29.04
N SER C 81 -1.86 -6.22 -29.72
CA SER C 81 -1.23 -4.98 -29.28
C SER C 81 -1.80 -4.49 -27.96
N LYS C 82 -3.09 -4.73 -27.71
CA LYS C 82 -3.71 -4.21 -26.49
C LYS C 82 -3.25 -5.01 -25.27
N GLU C 83 -3.08 -6.32 -25.43
CA GLU C 83 -2.53 -7.14 -24.38
C GLU C 83 -1.02 -6.94 -24.23
N LEU C 84 -0.35 -6.45 -25.27
CA LEU C 84 1.05 -6.07 -25.12
C LEU C 84 1.20 -4.70 -24.49
N GLN C 85 0.22 -3.81 -24.69
CA GLN C 85 0.22 -2.54 -23.98
C GLN C 85 0.11 -2.74 -22.47
N ALA C 86 -0.62 -3.76 -22.04
CA ALA C 86 -0.74 -4.05 -20.62
C ALA C 86 0.51 -4.70 -20.05
N ALA C 87 1.26 -5.42 -20.90
CA ALA C 87 2.48 -6.07 -20.42
C ALA C 87 3.48 -5.06 -19.89
N GLN C 88 3.62 -3.93 -20.59
CA GLN C 88 4.46 -2.85 -20.07
C GLN C 88 3.77 -2.09 -18.96
N ALA C 89 2.44 -1.92 -19.08
CA ALA C 89 1.68 -1.24 -18.03
C ALA C 89 1.89 -1.91 -16.67
N ARG C 90 2.00 -3.24 -16.67
CA ARG C 90 2.34 -3.94 -15.44
C ARG C 90 3.80 -3.77 -15.09
N LEU C 91 4.69 -3.89 -16.08
CA LEU C 91 6.12 -3.71 -15.85
C LEU C 91 6.40 -2.37 -15.18
N GLY C 92 5.83 -1.28 -15.72
CA GLY C 92 6.01 0.02 -15.11
C GLY C 92 5.37 0.10 -13.73
N ALA C 93 4.21 -0.55 -13.56
CA ALA C 93 3.55 -0.53 -12.26
C ALA C 93 4.36 -1.28 -11.21
N ASP C 94 4.99 -2.39 -11.60
CA ASP C 94 5.86 -3.11 -10.67
C ASP C 94 6.99 -2.22 -10.17
N MET C 95 7.67 -1.55 -11.09
CA MET C 95 8.80 -0.71 -10.72
C MET C 95 8.36 0.56 -10.02
N GLU C 96 7.15 1.05 -10.32
CA GLU C 96 6.63 2.19 -9.58
C GLU C 96 6.33 1.80 -8.14
N ASP C 97 5.81 0.59 -7.92
CA ASP C 97 5.50 0.13 -6.57
C ASP C 97 6.77 -0.11 -5.76
N VAL C 98 7.83 -0.61 -6.42
CA VAL C 98 9.12 -0.75 -5.76
C VAL C 98 9.57 0.58 -5.19
N ARG C 99 9.36 1.66 -5.95
CA ARG C 99 9.79 2.98 -5.52
C ARG C 99 8.92 3.49 -4.38
N GLY C 100 7.60 3.34 -4.50
CA GLY C 100 6.72 3.84 -3.46
C GLY C 100 6.89 3.11 -2.14
N ARG C 101 7.13 1.80 -2.20
CA ARG C 101 7.35 1.03 -0.99
C ARG C 101 8.52 1.57 -0.18
N LEU C 102 9.53 2.12 -0.87
CA LEU C 102 10.67 2.73 -0.19
C LEU C 102 10.41 4.18 0.21
N VAL C 103 9.51 4.87 -0.48
CA VAL C 103 9.07 6.18 -0.02
C VAL C 103 8.30 6.04 1.29
N GLN C 104 7.52 4.97 1.43
CA GLN C 104 6.80 4.72 2.68
C GLN C 104 7.75 4.42 3.82
N TYR C 105 8.77 3.59 3.56
CA TYR C 105 9.78 3.31 4.58
C TYR C 105 10.42 4.61 5.09
N ARG C 106 10.81 5.49 4.16
CA ARG C 106 11.33 6.79 4.55
C ARG C 106 10.31 7.56 5.37
N GLY C 107 9.04 7.49 4.99
CA GLY C 107 8.01 8.22 5.73
C GLY C 107 7.82 7.70 7.14
N GLU C 108 7.95 6.38 7.32
CA GLU C 108 7.78 5.80 8.66
C GLU C 108 8.96 6.15 9.55
N VAL C 109 10.18 5.97 9.05
CA VAL C 109 11.37 6.26 9.84
C VAL C 109 11.42 7.75 10.20
N GLN C 110 10.90 8.61 9.34
CA GLN C 110 10.81 10.03 9.67
C GLN C 110 9.89 10.26 10.87
N ALA C 111 8.81 9.49 10.96
CA ALA C 111 7.92 9.59 12.11
C ALA C 111 8.54 9.01 13.37
N MET C 112 9.53 8.12 13.24
CA MET C 112 10.24 7.55 14.38
C MET C 112 11.52 8.30 14.70
N LEU C 113 11.62 9.57 14.28
CA LEU C 113 12.75 10.44 14.61
C LEU C 113 14.06 9.88 14.07
N GLY C 114 13.98 9.21 12.92
CA GLY C 114 15.15 8.62 12.30
C GLY C 114 15.45 7.21 12.73
N GLN C 115 14.83 6.72 13.79
CA GLN C 115 15.08 5.35 14.21
C GLN C 115 14.17 4.39 13.44
N SER C 116 14.61 3.14 13.34
CA SER C 116 13.97 2.15 12.50
C SER C 116 13.79 0.86 13.27
N THR C 117 12.56 0.37 13.35
CA THR C 117 12.29 -0.89 14.02
C THR C 117 12.68 -2.07 13.13
N GLU C 118 12.71 -3.25 13.75
CA GLU C 118 12.87 -4.48 12.97
C GLU C 118 11.54 -4.98 12.45
N GLU C 119 10.45 -4.69 13.17
CA GLU C 119 9.12 -4.96 12.65
C GLU C 119 8.94 -4.30 11.29
N LEU C 120 9.49 -3.11 11.10
CA LEU C 120 9.36 -2.41 9.84
C LEU C 120 10.25 -3.01 8.75
N ARG C 121 11.51 -3.30 9.09
CA ARG C 121 12.44 -3.81 8.09
C ARG C 121 12.05 -5.21 7.63
N VAL C 122 11.55 -6.05 8.54
CA VAL C 122 11.01 -7.34 8.14
C VAL C 122 9.80 -7.15 7.25
N ARG C 123 8.97 -6.15 7.56
CA ARG C 123 7.78 -5.87 6.75
C ARG C 123 8.17 -5.35 5.37
N LEU C 124 9.19 -4.49 5.29
CA LEU C 124 9.65 -4.01 3.99
C LEU C 124 10.26 -5.13 3.17
N ALA C 125 11.09 -5.97 3.81
CA ALA C 125 11.69 -7.11 3.10
C ALA C 125 10.62 -8.06 2.58
N SER C 126 9.46 -8.10 3.23
CA SER C 126 8.35 -8.92 2.73
C SER C 126 7.77 -8.32 1.46
N HIS C 127 7.70 -6.99 1.37
CA HIS C 127 7.19 -6.34 0.18
C HIS C 127 8.21 -6.33 -0.94
N LEU C 128 9.48 -6.11 -0.61
CA LEU C 128 10.53 -6.13 -1.64
C LEU C 128 10.62 -7.50 -2.31
N ILE C 129 10.55 -8.57 -1.51
CA ILE C 129 10.56 -9.92 -2.09
C ILE C 129 9.33 -10.14 -2.95
N ALA C 130 8.16 -9.64 -2.51
CA ALA C 130 6.94 -9.77 -3.30
C ALA C 130 7.09 -9.04 -4.64
N LEU C 131 7.59 -7.81 -4.61
CA LEU C 131 7.72 -7.04 -5.84
C LEU C 131 8.84 -7.60 -6.71
N GLN C 132 9.93 -8.05 -6.10
CA GLN C 132 10.98 -8.74 -6.86
C GLN C 132 10.41 -9.89 -7.68
N LEU C 133 9.61 -10.74 -7.03
CA LEU C 133 9.00 -11.87 -7.72
C LEU C 133 8.03 -11.39 -8.79
N ARG C 134 7.17 -10.43 -8.45
CA ARG C 134 6.21 -9.93 -9.42
C ARG C 134 6.89 -9.19 -10.56
N LEU C 135 7.99 -8.49 -10.26
CA LEU C 135 8.78 -7.86 -11.32
C LEU C 135 9.26 -8.91 -12.32
N ILE C 136 10.07 -9.86 -11.84
CA ILE C 136 10.58 -10.93 -12.69
C ILE C 136 9.44 -11.79 -13.24
N GLY C 137 8.34 -11.90 -12.49
CA GLY C 137 7.19 -12.65 -12.97
C GLY C 137 6.59 -12.02 -14.20
N ASP C 138 6.08 -10.78 -14.07
CA ASP C 138 5.74 -10.01 -15.25
C ASP C 138 6.96 -9.63 -16.06
N ALA C 139 8.16 -10.07 -15.65
CA ALA C 139 9.33 -10.12 -16.51
C ALA C 139 9.50 -11.51 -17.14
N PHE C 140 8.42 -12.29 -17.24
CA PHE C 140 8.30 -13.44 -18.13
C PHE C 140 7.14 -13.35 -19.11
N ASP C 141 5.94 -13.00 -18.64
CA ASP C 141 4.74 -12.91 -19.49
C ASP C 141 4.88 -11.92 -20.66
N LEU C 142 5.73 -10.91 -20.49
CA LEU C 142 6.25 -10.06 -21.57
C LEU C 142 6.98 -10.89 -22.62
N GLN C 143 8.12 -11.48 -22.26
CA GLN C 143 9.14 -11.99 -23.15
C GLN C 143 8.70 -13.23 -23.89
N LYS C 144 7.59 -13.83 -23.46
CA LYS C 144 6.88 -14.79 -24.29
C LYS C 144 5.96 -14.07 -25.26
N ARG C 145 5.29 -13.00 -24.82
CA ARG C 145 4.37 -12.26 -25.67
C ARG C 145 5.06 -11.35 -26.68
N LEU C 146 6.38 -11.16 -26.61
CA LEU C 146 7.09 -10.45 -27.68
C LEU C 146 7.77 -11.40 -28.66
N ALA C 147 8.39 -12.48 -28.17
CA ALA C 147 8.82 -13.54 -29.08
C ALA C 147 7.64 -14.26 -29.72
N VAL C 148 6.42 -13.89 -29.35
CA VAL C 148 5.20 -14.31 -30.03
C VAL C 148 4.79 -13.18 -30.96
N TYR C 149 5.15 -11.94 -30.58
CA TYR C 149 4.87 -10.79 -31.42
C TYR C 149 5.80 -10.72 -32.63
N GLN C 150 6.96 -11.37 -32.58
CA GLN C 150 7.85 -11.36 -33.74
C GLN C 150 7.63 -12.57 -34.65
N ALA C 151 7.35 -13.73 -34.06
CA ALA C 151 7.01 -14.93 -34.82
C ALA C 151 5.54 -14.99 -35.22
N GLY C 152 4.84 -13.86 -35.18
CA GLY C 152 3.44 -13.80 -35.54
C GLY C 152 2.97 -12.40 -35.88
N TYR D 9 -7.23 -31.54 -7.60
CA TYR D 9 -6.64 -32.83 -7.95
C TYR D 9 -5.31 -32.62 -8.68
N ASP D 10 -5.37 -31.96 -9.84
CA ASP D 10 -4.15 -31.65 -10.58
C ASP D 10 -3.20 -30.79 -9.72
N ASN D 11 -3.75 -29.87 -8.94
CA ASN D 11 -2.93 -28.84 -8.31
C ASN D 11 -2.09 -29.41 -7.17
N ARG D 12 -2.66 -30.29 -6.35
CA ARG D 12 -1.87 -30.95 -5.31
C ARG D 12 -0.73 -31.75 -5.93
N GLU D 13 -1.03 -32.42 -7.05
CA GLU D 13 -0.03 -33.17 -7.80
C GLU D 13 1.14 -32.29 -8.22
N ILE D 14 0.84 -31.11 -8.76
CA ILE D 14 1.88 -30.24 -9.33
C ILE D 14 2.75 -29.63 -8.25
N VAL D 15 2.22 -29.46 -7.03
CA VAL D 15 2.95 -28.72 -6.01
C VAL D 15 4.15 -29.51 -5.50
N MET D 16 3.92 -30.76 -5.07
CA MET D 16 4.97 -31.50 -4.37
C MET D 16 6.11 -31.86 -5.30
N LYS D 17 5.81 -32.27 -6.54
CA LYS D 17 6.86 -32.51 -7.52
C LYS D 17 7.75 -31.30 -7.68
N TYR D 18 7.16 -30.11 -7.70
CA TYR D 18 7.94 -28.88 -7.75
C TYR D 18 8.68 -28.64 -6.44
N ILE D 19 8.10 -29.06 -5.31
CA ILE D 19 8.74 -28.83 -4.02
C ILE D 19 10.00 -29.67 -3.88
N HIS D 20 9.91 -30.96 -4.26
CA HIS D 20 11.10 -31.81 -4.25
C HIS D 20 12.22 -31.18 -5.05
N TYR D 21 11.95 -30.92 -6.32
CA TYR D 21 12.99 -30.54 -7.25
C TYR D 21 13.72 -29.28 -6.82
N LYS D 22 12.98 -28.31 -6.27
CA LYS D 22 13.62 -27.10 -5.78
C LYS D 22 14.52 -27.36 -4.58
N LEU D 23 14.26 -28.44 -3.83
CA LEU D 23 15.14 -28.79 -2.72
C LEU D 23 16.40 -29.52 -3.19
N SER D 24 16.32 -30.19 -4.35
CA SER D 24 17.50 -30.86 -4.90
C SER D 24 18.58 -29.85 -5.27
N GLN D 25 18.18 -28.72 -5.85
CA GLN D 25 19.15 -27.74 -6.34
C GLN D 25 20.00 -27.16 -5.23
N ARG D 26 19.45 -27.04 -4.03
CA ARG D 26 20.22 -26.62 -2.86
C ARG D 26 20.85 -27.80 -2.13
N GLY D 27 20.62 -29.03 -2.61
CA GLY D 27 21.17 -30.22 -1.99
C GLY D 27 20.35 -30.72 -0.82
N TYR D 28 19.30 -31.49 -1.09
CA TYR D 28 18.44 -31.94 0.00
C TYR D 28 17.63 -33.16 -0.47
N GLU D 29 16.41 -33.28 0.08
CA GLU D 29 15.57 -34.48 -0.02
C GLU D 29 14.13 -34.04 -0.15
N TRP D 30 13.27 -34.96 -0.57
CA TRP D 30 11.83 -34.74 -0.44
C TRP D 30 11.10 -36.05 -0.20
N ASP D 31 9.89 -35.92 0.32
CA ASP D 31 8.98 -37.03 0.55
C ASP D 31 8.34 -37.49 -0.75
N SER D 49 0.35 -37.21 -17.62
CA SER D 49 0.84 -35.94 -18.16
C SER D 49 1.86 -35.29 -17.23
N GLU D 50 3.06 -35.87 -17.15
CA GLU D 50 4.17 -35.27 -16.45
C GLU D 50 4.91 -34.23 -17.29
N VAL D 51 4.24 -33.76 -18.34
CA VAL D 51 4.80 -32.72 -19.21
C VAL D 51 4.68 -31.34 -18.57
N VAL D 52 3.60 -31.10 -17.83
CA VAL D 52 3.42 -29.81 -17.16
C VAL D 52 4.36 -29.72 -15.97
N HIS D 53 4.67 -30.85 -15.33
CA HIS D 53 5.62 -30.84 -14.22
C HIS D 53 7.02 -30.44 -14.70
N LEU D 54 7.43 -30.96 -15.86
CA LEU D 54 8.75 -30.64 -16.38
C LEU D 54 8.79 -29.21 -16.91
N THR D 55 7.77 -28.80 -17.67
CA THR D 55 7.74 -27.45 -18.20
C THR D 55 7.76 -26.42 -17.07
N LEU D 56 7.01 -26.68 -16.00
CA LEU D 56 7.06 -25.80 -14.83
C LEU D 56 8.42 -25.86 -14.14
N ARG D 57 9.12 -26.99 -14.25
CA ARG D 57 10.45 -27.09 -13.67
C ARG D 57 11.43 -26.20 -14.43
N GLN D 58 11.33 -26.16 -15.76
CA GLN D 58 12.20 -25.29 -16.55
C GLN D 58 11.84 -23.83 -16.34
N ALA D 59 10.55 -23.51 -16.43
CA ALA D 59 10.10 -22.14 -16.19
C ALA D 59 10.59 -21.63 -14.84
N GLY D 60 10.60 -22.50 -13.83
CA GLY D 60 11.16 -22.10 -12.55
C GLY D 60 12.66 -21.91 -12.60
N ASP D 61 13.38 -22.87 -13.19
CA ASP D 61 14.83 -22.74 -13.33
C ASP D 61 15.20 -21.50 -14.13
N ASP D 62 14.50 -21.27 -15.25
CA ASP D 62 14.65 -20.03 -15.99
C ASP D 62 14.43 -18.83 -15.06
N PHE D 63 13.24 -18.76 -14.47
CA PHE D 63 12.92 -17.73 -13.49
C PHE D 63 14.00 -17.62 -12.43
N SER D 64 14.51 -18.75 -11.95
CA SER D 64 15.51 -18.74 -10.89
C SER D 64 16.86 -18.23 -11.36
N ARG D 65 17.16 -18.31 -12.65
CA ARG D 65 18.42 -17.80 -13.15
C ARG D 65 18.39 -16.30 -13.43
N ARG D 66 17.22 -15.68 -13.46
CA ARG D 66 17.13 -14.23 -13.45
C ARG D 66 17.08 -13.68 -12.04
N TYR D 67 16.46 -14.41 -11.11
CA TYR D 67 16.45 -14.03 -9.71
C TYR D 67 17.85 -14.10 -9.13
N ARG D 68 18.41 -15.30 -9.08
CA ARG D 68 19.74 -15.54 -8.53
C ARG D 68 20.84 -14.91 -9.38
N ARG D 69 20.47 -14.24 -10.47
CA ARG D 69 21.44 -13.49 -11.26
C ARG D 69 21.88 -12.23 -10.54
N ASP D 70 20.93 -11.49 -9.97
CA ASP D 70 21.19 -10.21 -9.32
C ASP D 70 21.15 -10.25 -7.80
N PHE D 71 20.28 -11.08 -7.22
CA PHE D 71 20.11 -11.14 -5.77
C PHE D 71 20.81 -12.38 -5.21
N ALA D 72 20.46 -13.55 -5.75
CA ALA D 72 21.10 -14.82 -5.40
C ALA D 72 20.87 -15.20 -3.94
N GLU D 73 19.67 -14.94 -3.41
CA GLU D 73 19.45 -15.17 -1.99
C GLU D 73 18.05 -15.67 -1.64
N MET D 74 17.10 -14.73 -1.51
CA MET D 74 15.90 -14.88 -0.69
C MET D 74 16.25 -15.49 0.66
N SER D 75 17.44 -15.18 1.16
CA SER D 75 17.66 -15.28 2.60
C SER D 75 17.06 -14.08 3.33
N SER D 76 16.43 -13.17 2.58
CA SER D 76 15.76 -12.00 3.11
C SER D 76 14.35 -12.31 3.63
N GLN D 77 13.92 -13.57 3.61
CA GLN D 77 12.72 -13.95 4.34
C GLN D 77 13.01 -13.80 5.82
N LEU D 78 12.86 -12.59 6.35
CA LEU D 78 13.39 -12.25 7.66
C LEU D 78 12.55 -12.86 8.77
N HIS D 79 13.24 -13.41 9.77
CA HIS D 79 12.63 -13.98 10.96
C HIS D 79 11.52 -14.98 10.59
N LEU D 80 11.87 -15.92 9.72
CA LEU D 80 10.93 -16.96 9.32
C LEU D 80 10.87 -18.00 10.42
N THR D 81 9.89 -17.87 11.30
CA THR D 81 9.63 -18.78 12.40
C THR D 81 8.48 -19.70 12.05
N PRO D 82 8.25 -20.78 12.82
CA PRO D 82 7.09 -21.63 12.54
C PRO D 82 5.76 -20.91 12.69
N PHE D 83 5.71 -19.79 13.38
CA PHE D 83 4.47 -19.07 13.62
C PHE D 83 4.23 -17.92 12.66
N THR D 84 5.30 -17.23 12.23
CA THR D 84 5.18 -16.15 11.26
C THR D 84 5.29 -16.63 9.82
N ALA D 85 5.58 -17.92 9.60
CA ALA D 85 5.75 -18.42 8.24
C ALA D 85 4.46 -18.29 7.44
N ARG D 86 3.32 -18.65 8.05
CA ARG D 86 2.04 -18.45 7.39
C ARG D 86 1.71 -16.98 7.24
N GLY D 87 2.23 -16.15 8.14
CA GLY D 87 2.03 -14.71 8.01
C GLY D 87 2.83 -14.12 6.86
N ARG D 88 4.10 -14.50 6.72
CA ARG D 88 4.91 -14.04 5.60
C ARG D 88 4.35 -14.55 4.29
N PHE D 89 4.05 -15.86 4.22
CA PHE D 89 3.47 -16.45 3.02
C PHE D 89 2.26 -15.66 2.54
N ALA D 90 1.38 -15.26 3.47
CA ALA D 90 0.17 -14.55 3.09
C ALA D 90 0.50 -13.16 2.55
N THR D 91 1.36 -12.42 3.24
CA THR D 91 1.71 -11.07 2.80
C THR D 91 2.32 -11.09 1.40
N VAL D 92 3.14 -12.09 1.11
CA VAL D 92 3.83 -12.14 -0.19
C VAL D 92 2.88 -12.63 -1.27
N VAL D 93 2.15 -13.72 -1.00
CA VAL D 93 1.27 -14.28 -2.02
C VAL D 93 0.17 -13.29 -2.39
N GLU D 94 -0.35 -12.56 -1.39
CA GLU D 94 -1.37 -11.54 -1.66
C GLU D 94 -0.84 -10.47 -2.61
N GLU D 95 0.31 -9.87 -2.26
CA GLU D 95 0.85 -8.78 -3.05
C GLU D 95 1.32 -9.24 -4.42
N LEU D 96 1.70 -10.52 -4.54
CA LEU D 96 2.12 -11.04 -5.84
C LEU D 96 0.98 -11.01 -6.85
N PHE D 97 -0.24 -11.30 -6.39
CA PHE D 97 -1.40 -11.37 -7.27
C PHE D 97 -2.35 -10.18 -7.09
N ARG D 98 -1.91 -9.13 -6.40
CA ARG D 98 -2.81 -8.03 -6.06
C ARG D 98 -3.49 -7.44 -7.29
N ASP D 99 -2.69 -6.99 -8.26
CA ASP D 99 -3.22 -6.32 -9.45
C ASP D 99 -3.25 -7.22 -10.67
N GLY D 100 -3.70 -8.46 -10.53
CA GLY D 100 -3.86 -9.35 -11.66
C GLY D 100 -3.10 -10.65 -11.49
N VAL D 101 -3.41 -11.58 -12.39
CA VAL D 101 -2.83 -12.92 -12.40
C VAL D 101 -2.41 -13.26 -13.83
N ASN D 102 -1.29 -13.94 -13.98
CA ASN D 102 -0.84 -14.46 -15.27
C ASN D 102 0.03 -15.69 -15.03
N TRP D 103 0.67 -16.17 -16.08
CA TRP D 103 1.50 -17.37 -15.95
C TRP D 103 2.84 -17.06 -15.29
N GLY D 104 3.48 -15.94 -15.67
CA GLY D 104 4.75 -15.59 -15.08
C GLY D 104 4.66 -15.34 -13.58
N ARG D 105 3.49 -14.95 -13.09
CA ARG D 105 3.29 -14.76 -11.66
C ARG D 105 3.00 -16.07 -10.94
N ILE D 106 2.34 -17.00 -11.62
CA ILE D 106 2.14 -18.33 -11.05
C ILE D 106 3.48 -19.04 -10.89
N VAL D 107 4.39 -18.83 -11.84
CA VAL D 107 5.75 -19.36 -11.70
C VAL D 107 6.43 -18.74 -10.49
N ALA D 108 6.30 -17.42 -10.33
CA ALA D 108 6.82 -16.77 -9.13
C ALA D 108 6.18 -17.35 -7.87
N PHE D 109 4.89 -17.68 -7.95
CA PHE D 109 4.21 -18.31 -6.82
C PHE D 109 4.84 -19.65 -6.47
N PHE D 110 5.20 -20.44 -7.49
CA PHE D 110 5.89 -21.71 -7.23
C PHE D 110 7.33 -21.47 -6.79
N GLU D 111 7.98 -20.45 -7.34
CA GLU D 111 9.33 -20.12 -6.91
C GLU D 111 9.34 -19.65 -5.45
N PHE D 112 8.38 -18.79 -5.09
CA PHE D 112 8.30 -18.34 -3.70
C PHE D 112 8.02 -19.49 -2.76
N GLY D 113 7.06 -20.35 -3.11
CA GLY D 113 6.76 -21.50 -2.26
C GLY D 113 7.95 -22.42 -2.11
N GLY D 114 8.71 -22.61 -3.20
CA GLY D 114 9.87 -23.49 -3.13
C GLY D 114 10.92 -22.99 -2.15
N VAL D 115 11.18 -21.68 -2.14
CA VAL D 115 12.19 -21.15 -1.24
C VAL D 115 11.73 -21.27 0.21
N MET D 116 10.44 -21.00 0.47
CA MET D 116 9.90 -21.23 1.79
C MET D 116 10.18 -22.65 2.28
N CYS D 117 10.33 -23.58 1.35
CA CYS D 117 10.68 -24.95 1.68
C CYS D 117 12.18 -25.16 1.86
N VAL D 118 13.02 -24.31 1.29
CA VAL D 118 14.47 -24.43 1.43
C VAL D 118 15.00 -23.51 2.53
N GLU D 119 14.45 -22.29 2.64
CA GLU D 119 14.83 -21.40 3.73
C GLU D 119 14.47 -22.02 5.08
N SER D 120 13.45 -22.88 5.10
CA SER D 120 13.12 -23.62 6.31
C SER D 120 14.26 -24.56 6.69
N VAL D 121 14.73 -25.36 5.73
CA VAL D 121 15.79 -26.33 5.99
C VAL D 121 17.04 -25.64 6.54
N ASN D 122 17.43 -24.52 5.93
CA ASN D 122 18.62 -23.80 6.34
C ASN D 122 18.43 -23.09 7.68
N ARG D 123 17.20 -22.98 8.18
CA ARG D 123 16.91 -22.32 9.44
C ARG D 123 16.22 -23.24 10.44
N GLU D 124 16.44 -24.56 10.29
CA GLU D 124 16.09 -25.56 11.29
C GLU D 124 14.58 -25.78 11.40
N MET D 125 13.86 -25.62 10.30
CA MET D 125 12.44 -25.94 10.20
C MET D 125 12.23 -26.89 9.04
N SER D 126 11.42 -27.92 9.23
CA SER D 126 11.25 -28.84 8.12
C SER D 126 9.80 -29.24 7.86
N PRO D 127 8.99 -29.60 8.87
CA PRO D 127 7.60 -29.95 8.57
C PRO D 127 6.81 -28.80 7.98
N LEU D 128 7.26 -27.56 8.19
CA LEU D 128 6.77 -26.36 7.50
C LEU D 128 6.52 -26.66 6.03
N VAL D 129 7.44 -27.40 5.41
CA VAL D 129 7.35 -27.76 4.00
C VAL D 129 5.99 -28.38 3.68
N ASP D 130 5.46 -29.19 4.60
CA ASP D 130 4.19 -29.84 4.34
C ASP D 130 3.03 -28.84 4.35
N ASN D 131 3.03 -27.91 5.31
CA ASN D 131 1.99 -26.87 5.33
C ASN D 131 2.10 -25.97 4.12
N ILE D 132 3.32 -25.54 3.78
CA ILE D 132 3.54 -24.74 2.58
C ILE D 132 2.96 -25.45 1.37
N ALA D 133 3.16 -26.77 1.29
CA ALA D 133 2.57 -27.54 0.21
C ALA D 133 1.05 -27.45 0.24
N LEU D 134 0.46 -27.45 1.42
CA LEU D 134 -1.00 -27.33 1.52
C LEU D 134 -1.44 -25.90 1.19
N TRP D 135 -0.74 -24.91 1.76
CA TRP D 135 -1.07 -23.51 1.47
C TRP D 135 -1.07 -23.25 -0.03
N MET D 136 0.01 -23.65 -0.70
CA MET D 136 0.08 -23.47 -2.15
C MET D 136 -1.01 -24.26 -2.87
N THR D 137 -1.12 -25.55 -2.55
CA THR D 137 -2.16 -26.38 -3.14
C THR D 137 -3.53 -25.77 -2.92
N GLU D 138 -3.85 -25.47 -1.67
CA GLU D 138 -5.16 -24.95 -1.34
C GLU D 138 -5.37 -23.56 -1.92
N TYR D 139 -4.32 -22.74 -2.00
CA TYR D 139 -4.45 -21.46 -2.68
C TYR D 139 -4.68 -21.65 -4.17
N LEU D 140 -4.00 -22.64 -4.77
CA LEU D 140 -4.22 -22.93 -6.18
C LEU D 140 -5.66 -23.35 -6.46
N ASN D 141 -6.23 -24.19 -5.58
CA ASN D 141 -7.52 -24.79 -5.85
C ASN D 141 -8.67 -23.80 -5.66
N ARG D 142 -8.52 -22.81 -4.80
CA ARG D 142 -9.63 -21.89 -4.55
C ARG D 142 -9.53 -20.61 -5.37
N HIS D 143 -8.46 -19.85 -5.19
CA HIS D 143 -8.40 -18.48 -5.68
C HIS D 143 -7.63 -18.35 -6.99
N LEU D 144 -6.86 -19.37 -7.38
CA LEU D 144 -6.21 -19.37 -8.69
C LEU D 144 -6.88 -20.31 -9.68
N HIS D 145 -7.66 -21.28 -9.19
CA HIS D 145 -8.26 -22.30 -10.05
C HIS D 145 -9.10 -21.67 -11.16
N THR D 146 -9.93 -20.69 -10.81
CA THR D 146 -10.86 -20.12 -11.78
C THR D 146 -10.13 -19.40 -12.91
N TRP D 147 -9.03 -18.70 -12.60
CA TRP D 147 -8.30 -18.00 -13.64
C TRP D 147 -7.66 -18.96 -14.63
N ILE D 148 -7.16 -20.09 -14.13
CA ILE D 148 -6.41 -21.00 -14.99
C ILE D 148 -7.33 -21.65 -16.02
N GLN D 149 -8.47 -22.19 -15.56
CA GLN D 149 -9.41 -22.84 -16.46
C GLN D 149 -9.90 -21.92 -17.56
N ASP D 150 -9.71 -20.61 -17.42
CA ASP D 150 -10.22 -19.64 -18.38
C ASP D 150 -9.16 -19.13 -19.35
N ASN D 151 -7.89 -19.14 -18.99
CA ASN D 151 -6.82 -18.88 -19.93
C ASN D 151 -6.34 -20.15 -20.62
N GLY D 152 -7.14 -21.21 -20.56
CA GLY D 152 -6.83 -22.46 -21.23
C GLY D 152 -6.43 -23.62 -20.34
N GLY D 153 -6.63 -23.51 -19.02
CA GLY D 153 -6.21 -24.58 -18.15
C GLY D 153 -4.70 -24.71 -18.10
N TRP D 154 -4.25 -25.82 -17.50
CA TRP D 154 -2.82 -26.05 -17.36
C TRP D 154 -2.16 -26.38 -18.69
N ASP D 155 -2.87 -27.08 -19.58
CA ASP D 155 -2.28 -27.44 -20.87
C ASP D 155 -2.14 -26.25 -21.81
N ALA D 156 -2.70 -25.10 -21.46
CA ALA D 156 -2.37 -23.87 -22.18
C ALA D 156 -1.07 -23.26 -21.67
N PHE D 157 -0.72 -23.54 -20.40
CA PHE D 157 0.58 -23.11 -19.90
C PHE D 157 1.71 -23.78 -20.66
N VAL D 158 1.58 -25.07 -20.94
CA VAL D 158 2.64 -25.77 -21.67
C VAL D 158 2.69 -25.34 -23.12
N GLU D 159 1.55 -24.99 -23.72
CA GLU D 159 1.60 -24.57 -25.12
C GLU D 159 2.24 -23.21 -25.28
N LEU D 160 2.31 -22.41 -24.21
CA LEU D 160 2.97 -21.11 -24.25
C LEU D 160 4.39 -21.13 -23.70
N TYR D 161 4.69 -22.01 -22.75
CA TYR D 161 6.01 -22.11 -22.15
C TYR D 161 6.70 -23.44 -22.43
N GLY D 162 6.17 -24.23 -23.36
CA GLY D 162 6.65 -25.59 -23.55
C GLY D 162 7.65 -25.77 -24.68
N PRO D 163 7.20 -25.63 -25.94
CA PRO D 163 8.10 -25.84 -27.07
C PRO D 163 9.23 -24.81 -27.14
N SER D 164 9.31 -23.95 -26.13
CA SER D 164 10.42 -23.04 -25.96
C SER D 164 11.58 -23.75 -25.26
#